data_3R3P
#
_entry.id   3R3P
#
_cell.length_a   52.292
_cell.length_b   52.292
_cell.length_c   133.787
_cell.angle_alpha   90.00
_cell.angle_beta   90.00
_cell.angle_gamma   90.00
#
_symmetry.space_group_name_H-M   'P 43 21 2'
#
loop_
_entity.id
_entity.type
_entity.pdbx_description
1 polymer 'Mobile intron protein'
2 water water
#
_entity_poly.entity_id   1
_entity_poly.type   'polypeptide(L)'
_entity_poly.pdbx_seq_one_letter_code
;GPLGSTTPERRVKEILDEMDIVYFTHHVVEGWNVAFYLGKKLAIEVNGVYWASKQKNVNKDKRKLSELHSKGYRVLTIED
DELNDIDKVKQQIQKFWVTHISNGM
;
_entity_poly.pdbx_strand_id   A,B
#
# COMPACT_ATOMS: atom_id res chain seq x y z
N THR A 6 3.19 7.06 5.94
CA THR A 6 1.84 6.98 6.47
C THR A 6 1.40 5.53 6.67
N THR A 7 1.29 4.79 5.57
CA THR A 7 0.91 3.38 5.63
C THR A 7 2.15 2.49 5.63
N PRO A 8 2.02 1.28 6.17
CA PRO A 8 3.11 0.30 6.19
C PRO A 8 3.77 0.13 4.83
N GLU A 9 2.98 -0.07 3.78
CA GLU A 9 3.52 -0.24 2.44
C GLU A 9 4.34 0.97 2.02
N ARG A 10 3.79 2.16 2.24
CA ARG A 10 4.48 3.39 1.93
C ARG A 10 5.84 3.45 2.62
N ARG A 11 5.87 3.05 3.88
CA ARG A 11 7.11 3.04 4.65
C ARG A 11 8.11 2.03 4.11
N VAL A 12 7.62 0.86 3.72
CA VAL A 12 8.49 -0.16 3.14
C VAL A 12 9.04 0.32 1.79
N LYS A 13 8.18 0.96 1.00
CA LYS A 13 8.60 1.51 -0.28
C LYS A 13 9.75 2.49 -0.10
N GLU A 14 9.63 3.37 0.88
CA GLU A 14 10.65 4.39 1.12
C GLU A 14 11.98 3.76 1.48
N ILE A 15 11.95 2.68 2.25
CA ILE A 15 13.17 1.95 2.59
C ILE A 15 13.79 1.36 1.33
N LEU A 16 12.97 0.72 0.51
CA LEU A 16 13.45 0.13 -0.74
C LEU A 16 14.13 1.17 -1.63
N ASP A 17 13.52 2.35 -1.75
CA ASP A 17 14.09 3.41 -2.56
C ASP A 17 15.43 3.87 -2.00
N GLU A 18 15.51 3.99 -0.68
CA GLU A 18 16.75 4.39 -0.02
C GLU A 18 17.87 3.40 -0.34
N MET A 19 17.52 2.12 -0.36
CA MET A 19 18.49 1.07 -0.66
C MET A 19 18.68 0.92 -2.17
N ASP A 20 17.97 1.74 -2.94
CA ASP A 20 18.05 1.72 -4.39
C ASP A 20 17.65 0.35 -4.94
N ILE A 21 16.57 -0.21 -4.39
CA ILE A 21 16.03 -1.48 -4.85
C ILE A 21 14.76 -1.25 -5.66
N VAL A 22 14.69 -1.89 -6.81
CA VAL A 22 13.53 -1.77 -7.70
C VAL A 22 12.53 -2.90 -7.45
N TYR A 23 11.27 -2.67 -7.80
CA TYR A 23 10.20 -3.58 -7.40
C TYR A 23 8.94 -3.38 -8.24
N PHE A 24 8.11 -4.42 -8.32
CA PHE A 24 6.75 -4.29 -8.83
C PHE A 24 5.82 -4.17 -7.62
N THR A 25 4.91 -3.21 -7.65
CA THR A 25 4.00 -2.97 -6.53
C THR A 25 2.68 -3.73 -6.70
N HIS A 26 2.22 -4.33 -5.61
CA HIS A 26 0.99 -5.14 -5.63
C HIS A 26 1.02 -6.09 -6.82
N HIS A 27 2.10 -6.86 -6.93
CA HIS A 27 2.32 -7.72 -8.07
C HIS A 27 1.77 -9.13 -7.82
N VAL A 28 1.18 -9.72 -8.85
CA VAL A 28 0.63 -11.06 -8.75
C VAL A 28 1.69 -12.10 -9.09
N VAL A 29 1.88 -13.06 -8.19
CA VAL A 29 2.79 -14.18 -8.44
C VAL A 29 2.13 -15.50 -8.05
N GLU A 30 2.00 -16.39 -9.03
CA GLU A 30 1.37 -17.69 -8.82
C GLU A 30 -0.03 -17.54 -8.25
N GLY A 31 -0.77 -16.54 -8.75
CA GLY A 31 -2.14 -16.31 -8.33
C GLY A 31 -2.25 -15.60 -6.99
N TRP A 32 -1.11 -15.30 -6.39
CA TRP A 32 -1.09 -14.62 -5.10
C TRP A 32 -0.62 -13.18 -5.23
N ASN A 33 -1.10 -12.32 -4.34
CA ASN A 33 -0.68 -10.92 -4.32
C ASN A 33 0.41 -10.67 -3.29
N VAL A 34 1.45 -9.95 -3.70
CA VAL A 34 2.48 -9.51 -2.78
C VAL A 34 2.64 -8.00 -2.86
N ALA A 35 3.00 -7.39 -1.75
CA ALA A 35 3.17 -5.93 -1.68
C ALA A 35 4.26 -5.45 -2.63
N PHE A 36 5.41 -6.10 -2.57
CA PHE A 36 6.54 -5.73 -3.42
C PHE A 36 7.23 -6.97 -3.99
N TYR A 37 7.35 -7.03 -5.31
CA TYR A 37 8.09 -8.11 -5.94
C TYR A 37 9.44 -7.60 -6.44
N LEU A 38 10.52 -8.24 -6.01
CA LEU A 38 11.87 -7.76 -6.29
C LEU A 38 12.57 -8.53 -7.40
N GLY A 39 11.91 -9.55 -7.93
CA GLY A 39 12.50 -10.38 -8.97
C GLY A 39 13.22 -11.58 -8.38
N LYS A 40 13.63 -12.50 -9.24
CA LYS A 40 14.30 -13.72 -8.81
C LYS A 40 13.53 -14.42 -7.69
N LYS A 41 12.20 -14.42 -7.83
CA LYS A 41 11.32 -15.06 -6.86
C LYS A 41 11.51 -14.52 -5.45
N LEU A 42 11.81 -13.22 -5.36
CA LEU A 42 11.92 -12.56 -4.07
C LEU A 42 10.75 -11.59 -3.87
N ALA A 43 10.01 -11.79 -2.79
CA ALA A 43 8.86 -10.95 -2.50
C ALA A 43 8.87 -10.43 -1.07
N ILE A 44 8.31 -9.24 -0.89
CA ILE A 44 8.12 -8.69 0.44
C ILE A 44 6.64 -8.48 0.68
N GLU A 45 6.16 -8.97 1.82
CA GLU A 45 4.78 -8.74 2.21
C GLU A 45 4.73 -7.86 3.45
N VAL A 46 3.65 -7.10 3.59
CA VAL A 46 3.42 -6.31 4.79
C VAL A 46 2.19 -6.81 5.51
N ASN A 47 2.35 -7.12 6.80
CA ASN A 47 1.27 -7.68 7.59
C ASN A 47 1.17 -6.99 8.95
N GLY A 48 0.40 -7.59 9.85
CA GLY A 48 0.19 -7.05 11.18
C GLY A 48 -0.90 -7.83 11.89
N VAL A 49 -0.92 -7.73 13.21
CA VAL A 49 -1.92 -8.47 13.98
C VAL A 49 -3.33 -7.95 13.70
N TYR A 50 -3.45 -6.64 13.46
CA TYR A 50 -4.77 -6.06 13.22
C TYR A 50 -4.76 -4.67 12.60
N TRP A 51 -5.74 -4.44 11.73
CA TRP A 51 -6.10 -3.10 11.29
C TRP A 51 -7.60 -3.08 10.99
N ALA A 52 -8.17 -1.88 10.95
CA ALA A 52 -9.63 -1.72 10.85
C ALA A 52 -10.30 -2.65 9.84
N SER A 53 -9.77 -2.71 8.62
CA SER A 53 -10.40 -3.47 7.56
C SER A 53 -9.76 -4.85 7.34
N LYS A 54 -8.99 -5.31 8.32
CA LYS A 54 -8.34 -6.61 8.22
C LYS A 54 -9.32 -7.75 8.49
N GLN A 55 -9.47 -8.63 7.51
CA GLN A 55 -10.32 -9.80 7.68
C GLN A 55 -9.45 -11.04 7.89
N LYS A 56 -9.37 -11.50 9.14
CA LYS A 56 -8.51 -12.61 9.51
C LYS A 56 -8.80 -13.89 8.73
N ASN A 57 -7.74 -14.61 8.38
CA ASN A 57 -7.85 -15.90 7.72
C ASN A 57 -6.52 -16.64 7.79
N VAL A 58 -6.25 -17.24 8.93
CA VAL A 58 -4.97 -17.90 9.20
C VAL A 58 -4.64 -18.97 8.16
N ASN A 59 -5.63 -19.80 7.83
CA ASN A 59 -5.44 -20.86 6.86
C ASN A 59 -5.02 -20.35 5.49
N LYS A 60 -5.64 -19.26 5.06
CA LYS A 60 -5.34 -18.67 3.75
C LYS A 60 -3.93 -18.10 3.73
N ASP A 61 -3.59 -17.32 4.75
CA ASP A 61 -2.27 -16.73 4.87
C ASP A 61 -1.20 -17.82 4.96
N LYS A 62 -1.51 -18.87 5.70
CA LYS A 62 -0.58 -19.99 5.87
C LYS A 62 -0.36 -20.71 4.54
N ARG A 63 -1.46 -21.05 3.88
CA ARG A 63 -1.40 -21.74 2.59
C ARG A 63 -0.60 -20.93 1.58
N LYS A 64 -0.88 -19.63 1.54
CA LYS A 64 -0.19 -18.71 0.64
C LYS A 64 1.32 -18.88 0.70
N LEU A 65 1.87 -18.89 1.90
CA LEU A 65 3.31 -18.99 2.08
C LEU A 65 3.87 -20.36 1.71
N SER A 66 3.12 -21.41 2.01
CA SER A 66 3.58 -22.77 1.73
C SER A 66 3.64 -23.02 0.22
N GLU A 67 2.65 -22.53 -0.50
CA GLU A 67 2.62 -22.67 -1.96
C GLU A 67 3.74 -21.88 -2.62
N LEU A 68 3.89 -20.61 -2.22
CA LEU A 68 4.94 -19.77 -2.76
C LEU A 68 6.31 -20.37 -2.51
N HIS A 69 6.55 -20.79 -1.27
CA HIS A 69 7.82 -21.41 -0.91
C HIS A 69 8.08 -22.66 -1.74
N SER A 70 7.04 -23.46 -1.94
CA SER A 70 7.16 -24.71 -2.70
C SER A 70 7.52 -24.43 -4.15
N LYS A 71 7.27 -23.20 -4.60
CA LYS A 71 7.54 -22.84 -5.99
C LYS A 71 8.83 -22.04 -6.15
N GLY A 72 9.64 -22.01 -5.10
CA GLY A 72 10.95 -21.38 -5.15
C GLY A 72 10.97 -19.95 -4.64
N TYR A 73 9.83 -19.45 -4.20
CA TYR A 73 9.74 -18.08 -3.72
C TYR A 73 10.22 -17.91 -2.29
N ARG A 74 10.97 -16.83 -2.06
CA ARG A 74 11.37 -16.44 -0.71
C ARG A 74 10.60 -15.19 -0.33
N VAL A 75 9.85 -15.27 0.76
CA VAL A 75 8.97 -14.19 1.16
C VAL A 75 9.38 -13.59 2.50
N LEU A 76 9.67 -12.30 2.49
CA LEU A 76 9.94 -11.56 3.72
C LEU A 76 8.69 -10.83 4.16
N THR A 77 8.16 -11.20 5.32
CA THR A 77 6.97 -10.56 5.84
C THR A 77 7.33 -9.54 6.92
N ILE A 78 7.06 -8.27 6.63
CA ILE A 78 7.32 -7.20 7.59
C ILE A 78 6.07 -6.87 8.39
N GLU A 79 6.16 -7.01 9.71
CA GLU A 79 5.04 -6.70 10.59
C GLU A 79 4.94 -5.18 10.77
N ASP A 80 3.73 -4.66 10.77
CA ASP A 80 3.53 -3.21 10.87
C ASP A 80 4.12 -2.61 12.14
N ASP A 81 4.15 -3.39 13.22
CA ASP A 81 4.74 -2.93 14.47
C ASP A 81 6.25 -2.76 14.35
N GLU A 82 6.88 -3.65 13.60
CA GLU A 82 8.34 -3.60 13.42
C GLU A 82 8.80 -2.28 12.83
N LEU A 83 7.86 -1.55 12.23
CA LEU A 83 8.18 -0.28 11.57
C LEU A 83 8.56 0.82 12.56
N ASN A 84 8.10 0.71 13.80
CA ASN A 84 8.47 1.68 14.83
C ASN A 84 9.93 1.52 15.23
N ASP A 85 10.60 0.56 14.59
CA ASP A 85 12.02 0.34 14.78
C ASP A 85 12.66 0.09 13.41
N ILE A 86 12.65 1.12 12.57
CA ILE A 86 13.08 1.01 11.18
C ILE A 86 14.47 0.41 11.00
N ASP A 87 15.34 0.64 11.99
CA ASP A 87 16.72 0.15 11.91
C ASP A 87 16.75 -1.37 11.82
N LYS A 88 15.78 -2.01 12.46
CA LYS A 88 15.68 -3.47 12.44
C LYS A 88 15.04 -3.97 11.14
N VAL A 89 14.08 -3.20 10.64
CA VAL A 89 13.41 -3.55 9.38
C VAL A 89 14.39 -3.45 8.22
N LYS A 90 15.14 -2.36 8.15
CA LYS A 90 16.16 -2.18 7.12
C LYS A 90 17.14 -3.35 7.15
N GLN A 91 17.44 -3.83 8.34
CA GLN A 91 18.35 -4.96 8.51
C GLN A 91 17.76 -6.23 7.91
N GLN A 92 16.48 -6.45 8.15
CA GLN A 92 15.79 -7.63 7.64
C GLN A 92 15.73 -7.60 6.11
N ILE A 93 15.41 -6.43 5.57
CA ILE A 93 15.36 -6.24 4.12
C ILE A 93 16.76 -6.40 3.52
N GLN A 94 17.75 -5.84 4.21
CA GLN A 94 19.13 -5.92 3.79
C GLN A 94 19.58 -7.38 3.66
N LYS A 95 19.56 -8.10 4.77
CA LYS A 95 19.96 -9.50 4.79
C LYS A 95 19.18 -10.31 3.75
N PHE A 96 17.87 -10.08 3.70
CA PHE A 96 17.01 -10.78 2.76
C PHE A 96 17.48 -10.58 1.32
N TRP A 97 17.73 -9.33 0.95
CA TRP A 97 18.13 -9.00 -0.41
C TRP A 97 19.53 -9.53 -0.74
N VAL A 98 20.48 -9.31 0.17
CA VAL A 98 21.87 -9.67 -0.07
C VAL A 98 22.08 -11.19 -0.15
N THR A 99 21.44 -11.93 0.74
CA THR A 99 21.65 -13.37 0.82
C THR A 99 20.88 -14.14 -0.26
N HIS A 100 19.89 -13.49 -0.86
CA HIS A 100 19.07 -14.16 -1.86
C HIS A 100 19.33 -13.69 -3.29
N ILE A 101 19.68 -12.42 -3.45
CA ILE A 101 20.00 -11.88 -4.76
C ILE A 101 21.46 -12.15 -5.10
N SER A 102 22.26 -12.45 -4.07
CA SER A 102 23.67 -12.74 -4.25
C SER A 102 24.03 -14.09 -3.65
N SER B 5 -7.14 -9.52 5.56
CA SER B 5 -6.07 -10.30 4.94
C SER B 5 -5.29 -9.47 3.92
N THR B 6 -5.90 -8.38 3.47
CA THR B 6 -5.24 -7.49 2.53
C THR B 6 -5.16 -6.06 3.07
N THR B 7 -4.07 -5.37 2.77
CA THR B 7 -3.88 -4.00 3.22
C THR B 7 -4.91 -3.07 2.59
N PRO B 8 -5.18 -1.93 3.24
CA PRO B 8 -6.16 -0.97 2.72
C PRO B 8 -5.84 -0.54 1.29
N GLU B 9 -4.56 -0.30 1.01
CA GLU B 9 -4.14 0.09 -0.33
C GLU B 9 -4.43 -1.01 -1.34
N ARG B 10 -4.15 -2.26 -0.95
CA ARG B 10 -4.42 -3.41 -1.79
C ARG B 10 -5.90 -3.48 -2.13
N ARG B 11 -6.74 -3.25 -1.11
CA ARG B 11 -8.18 -3.29 -1.27
C ARG B 11 -8.67 -2.19 -2.19
N VAL B 12 -8.06 -1.00 -2.10
CA VAL B 12 -8.42 0.10 -2.97
C VAL B 12 -7.99 -0.19 -4.41
N LYS B 13 -6.82 -0.80 -4.56
CA LYS B 13 -6.34 -1.17 -5.88
C LYS B 13 -7.33 -2.08 -6.59
N GLU B 14 -7.80 -3.11 -5.86
CA GLU B 14 -8.75 -4.06 -6.41
C GLU B 14 -10.01 -3.36 -6.90
N ILE B 15 -10.45 -2.34 -6.17
CA ILE B 15 -11.61 -1.54 -6.58
C ILE B 15 -11.34 -0.85 -7.91
N LEU B 16 -10.17 -0.21 -8.00
CA LEU B 16 -9.79 0.49 -9.22
C LEU B 16 -9.72 -0.47 -10.41
N ASP B 17 -9.12 -1.64 -10.18
CA ASP B 17 -9.03 -2.65 -11.23
C ASP B 17 -10.43 -3.08 -11.69
N GLU B 18 -11.31 -3.32 -10.74
CA GLU B 18 -12.69 -3.71 -11.05
C GLU B 18 -13.40 -2.65 -11.90
N MET B 19 -13.09 -1.38 -11.64
CA MET B 19 -13.69 -0.29 -12.39
C MET B 19 -12.86 0.05 -13.63
N ASP B 20 -11.82 -0.73 -13.87
CA ASP B 20 -10.94 -0.53 -15.02
C ASP B 20 -10.35 0.87 -15.02
N ILE B 21 -9.92 1.32 -13.84
CA ILE B 21 -9.28 2.61 -13.68
C ILE B 21 -7.78 2.46 -13.48
N VAL B 22 -6.99 3.14 -14.31
CA VAL B 22 -5.53 3.05 -14.25
C VAL B 22 -4.94 4.10 -13.31
N TYR B 23 -3.71 3.88 -12.86
CA TYR B 23 -3.15 4.68 -11.78
C TYR B 23 -1.63 4.53 -11.66
N PHE B 24 -0.99 5.54 -11.09
CA PHE B 24 0.38 5.41 -10.60
C PHE B 24 0.31 5.13 -9.10
N THR B 25 1.05 4.12 -8.65
CA THR B 25 1.02 3.76 -7.23
C THR B 25 2.10 4.49 -6.44
N HIS B 26 1.74 4.92 -5.22
CA HIS B 26 2.65 5.68 -4.37
C HIS B 26 3.30 6.82 -5.14
N HIS B 27 2.49 7.62 -5.80
CA HIS B 27 2.98 8.69 -6.66
C HIS B 27 3.19 9.98 -5.87
N VAL B 28 4.06 10.85 -6.37
CA VAL B 28 4.34 12.13 -5.73
C VAL B 28 3.82 13.28 -6.58
N VAL B 29 2.89 14.05 -6.02
CA VAL B 29 2.34 15.21 -6.70
C VAL B 29 2.53 16.48 -5.87
N GLU B 30 3.29 17.42 -6.41
CA GLU B 30 3.58 18.68 -5.72
C GLU B 30 4.22 18.44 -4.37
N GLY B 31 5.15 17.48 -4.32
CA GLY B 31 5.89 17.20 -3.11
C GLY B 31 5.15 16.31 -2.12
N TRP B 32 3.89 16.01 -2.42
CA TRP B 32 3.08 15.17 -1.55
C TRP B 32 2.92 13.77 -2.12
N ASN B 33 3.02 12.76 -1.26
CA ASN B 33 2.88 11.38 -1.68
C ASN B 33 1.43 10.89 -1.55
N VAL B 34 0.92 10.30 -2.62
CA VAL B 34 -0.44 9.76 -2.62
C VAL B 34 -0.43 8.28 -2.96
N ALA B 35 -1.39 7.53 -2.43
CA ALA B 35 -1.46 6.10 -2.65
C ALA B 35 -1.74 5.76 -4.11
N PHE B 36 -2.65 6.51 -4.73
CA PHE B 36 -2.97 6.31 -6.13
C PHE B 36 -3.18 7.63 -6.84
N TYR B 37 -2.46 7.84 -7.94
CA TYR B 37 -2.66 9.01 -8.78
C TYR B 37 -3.34 8.58 -10.08
N LEU B 38 -4.46 9.22 -10.41
CA LEU B 38 -5.29 8.79 -11.52
C LEU B 38 -5.16 9.68 -12.74
N GLY B 39 -4.31 10.71 -12.63
CA GLY B 39 -4.14 11.66 -13.71
C GLY B 39 -5.15 12.80 -13.60
N LYS B 40 -5.00 13.80 -14.44
CA LYS B 40 -5.88 14.96 -14.43
C LYS B 40 -6.00 15.56 -13.02
N LYS B 41 -4.89 15.55 -12.30
CA LYS B 41 -4.84 16.11 -10.95
C LYS B 41 -5.76 15.41 -9.95
N LEU B 42 -6.09 14.16 -10.23
CA LEU B 42 -6.92 13.38 -9.33
C LEU B 42 -6.09 12.36 -8.56
N ALA B 43 -6.29 12.29 -7.26
CA ALA B 43 -5.56 11.34 -6.43
C ALA B 43 -6.46 10.71 -5.36
N ILE B 44 -6.08 9.52 -4.93
CA ILE B 44 -6.76 8.83 -3.84
C ILE B 44 -5.77 8.55 -2.72
N GLU B 45 -6.11 9.01 -1.52
CA GLU B 45 -5.28 8.77 -0.35
C GLU B 45 -5.92 7.72 0.55
N VAL B 46 -5.08 6.96 1.24
CA VAL B 46 -5.56 5.96 2.19
C VAL B 46 -5.03 6.27 3.59
N ASN B 47 -5.95 6.53 4.52
CA ASN B 47 -5.58 6.85 5.89
C ASN B 47 -6.42 6.11 6.92
N GLY B 48 -6.55 6.69 8.10
CA GLY B 48 -7.34 6.09 9.18
C GLY B 48 -7.11 6.78 10.51
N VAL B 49 -7.88 6.39 11.51
CA VAL B 49 -7.77 6.98 12.84
C VAL B 49 -6.35 6.84 13.37
N TYR B 50 -5.88 5.61 13.47
CA TYR B 50 -4.54 5.34 13.97
C TYR B 50 -4.20 3.85 13.86
N TRP B 51 -2.94 3.54 13.55
CA TRP B 51 -2.48 2.16 13.51
C TRP B 51 -1.12 1.98 14.15
N ALA B 52 -0.56 0.78 14.02
CA ALA B 52 0.68 0.40 14.70
C ALA B 52 1.83 1.38 14.48
N SER B 53 2.08 1.74 13.23
CA SER B 53 3.25 2.57 12.90
C SER B 53 2.91 4.03 12.65
N LYS B 54 1.62 4.36 12.63
CA LYS B 54 1.18 5.72 12.36
C LYS B 54 1.65 6.72 13.41
N GLN B 55 2.22 7.84 12.96
CA GLN B 55 2.61 8.92 13.85
C GLN B 55 1.70 10.13 13.61
N LYS B 56 0.90 10.46 14.62
CA LYS B 56 -0.09 11.51 14.50
C LYS B 56 0.52 12.89 14.21
N ASN B 57 0.16 13.46 13.07
CA ASN B 57 0.64 14.78 12.67
C ASN B 57 -0.34 15.44 11.71
N VAL B 58 -1.45 15.94 12.26
CA VAL B 58 -2.52 16.51 11.46
C VAL B 58 -2.08 17.81 10.75
N ASN B 59 -1.09 18.48 11.31
CA ASN B 59 -0.59 19.72 10.72
C ASN B 59 0.05 19.50 9.35
N LYS B 60 0.24 18.23 8.99
CA LYS B 60 0.78 17.88 7.68
C LYS B 60 -0.34 17.46 6.74
N ASP B 61 -1.47 17.06 7.33
CA ASP B 61 -2.63 16.66 6.54
C ASP B 61 -3.47 17.87 6.17
N LYS B 62 -3.68 18.76 7.14
CA LYS B 62 -4.42 19.99 6.89
C LYS B 62 -3.70 20.84 5.85
N ARG B 63 -2.38 20.73 5.84
CA ARG B 63 -1.55 21.47 4.89
C ARG B 63 -1.64 20.84 3.51
N LYS B 64 -1.43 19.53 3.45
CA LYS B 64 -1.46 18.78 2.19
C LYS B 64 -2.69 19.10 1.35
N LEU B 65 -3.87 18.91 1.95
CA LEU B 65 -5.12 19.09 1.22
C LEU B 65 -5.31 20.53 0.75
N SER B 66 -5.05 21.48 1.64
CA SER B 66 -5.26 22.89 1.33
C SER B 66 -4.35 23.37 0.19
N GLU B 67 -3.10 22.92 0.20
CA GLU B 67 -2.15 23.31 -0.83
C GLU B 67 -2.49 22.70 -2.18
N LEU B 68 -2.75 21.40 -2.18
CA LEU B 68 -3.10 20.69 -3.41
C LEU B 68 -4.32 21.31 -4.08
N HIS B 69 -5.34 21.62 -3.29
CA HIS B 69 -6.56 22.23 -3.81
C HIS B 69 -6.29 23.50 -4.60
N SER B 70 -5.42 24.36 -4.05
CA SER B 70 -5.10 25.63 -4.71
C SER B 70 -4.35 25.40 -6.01
N LYS B 71 -3.68 24.27 -6.13
CA LYS B 71 -2.94 23.92 -7.34
C LYS B 71 -3.81 23.19 -8.35
N GLY B 72 -5.08 22.98 -7.99
CA GLY B 72 -6.03 22.36 -8.88
C GLY B 72 -6.23 20.87 -8.65
N TYR B 73 -5.53 20.33 -7.66
CA TYR B 73 -5.62 18.90 -7.36
C TYR B 73 -6.84 18.57 -6.50
N ARG B 74 -7.41 17.40 -6.75
CA ARG B 74 -8.56 16.92 -5.98
C ARG B 74 -8.23 15.55 -5.38
N VAL B 75 -8.30 15.47 -4.06
CA VAL B 75 -7.89 14.25 -3.37
C VAL B 75 -9.06 13.57 -2.66
N LEU B 76 -9.29 12.31 -3.00
CA LEU B 76 -10.29 11.51 -2.30
C LEU B 76 -9.61 10.68 -1.22
N THR B 77 -9.94 10.96 0.03
CA THR B 77 -9.34 10.25 1.15
C THR B 77 -10.24 9.14 1.66
N ILE B 78 -9.70 7.92 1.69
CA ILE B 78 -10.44 6.76 2.16
C ILE B 78 -9.90 6.28 3.50
N GLU B 79 -10.78 6.26 4.51
CA GLU B 79 -10.40 5.75 5.82
C GLU B 79 -10.38 4.23 5.79
N ASP B 80 -9.35 3.64 6.38
CA ASP B 80 -9.19 2.20 6.41
C ASP B 80 -10.47 1.50 6.82
N ASP B 81 -11.13 2.03 7.85
CA ASP B 81 -12.33 1.41 8.39
C ASP B 81 -13.51 1.45 7.43
N GLU B 82 -13.51 2.43 6.54
CA GLU B 82 -14.57 2.54 5.53
C GLU B 82 -14.60 1.32 4.61
N LEU B 83 -13.47 0.63 4.50
CA LEU B 83 -13.36 -0.52 3.61
C LEU B 83 -14.21 -1.70 4.06
N ASN B 84 -14.58 -1.70 5.34
CA ASN B 84 -15.47 -2.74 5.86
C ASN B 84 -16.83 -2.72 5.19
N ASP B 85 -17.22 -1.53 4.70
CA ASP B 85 -18.44 -1.39 3.92
C ASP B 85 -18.05 -1.00 2.49
N ILE B 86 -17.52 -1.98 1.77
CA ILE B 86 -16.86 -1.75 0.49
C ILE B 86 -17.71 -1.00 -0.53
N ASP B 87 -19.02 -1.26 -0.54
CA ASP B 87 -19.91 -0.63 -1.50
C ASP B 87 -19.91 0.89 -1.37
N LYS B 88 -19.80 1.37 -0.14
CA LYS B 88 -19.75 2.81 0.11
C LYS B 88 -18.50 3.44 -0.49
N VAL B 89 -17.40 2.70 -0.47
CA VAL B 89 -16.14 3.17 -1.02
C VAL B 89 -16.16 3.13 -2.55
N LYS B 90 -16.83 2.12 -3.10
CA LYS B 90 -16.97 2.02 -4.55
C LYS B 90 -17.73 3.21 -5.12
N GLN B 91 -18.83 3.57 -4.47
CA GLN B 91 -19.64 4.69 -4.95
C GLN B 91 -18.93 6.03 -4.79
N GLN B 92 -18.11 6.16 -3.75
CA GLN B 92 -17.30 7.36 -3.58
C GLN B 92 -16.32 7.51 -4.73
N ILE B 93 -15.62 6.42 -5.04
CA ILE B 93 -14.64 6.42 -6.12
C ILE B 93 -15.32 6.63 -7.47
N GLN B 94 -16.49 6.04 -7.64
CA GLN B 94 -17.25 6.16 -8.88
C GLN B 94 -17.70 7.60 -9.10
N LYS B 95 -18.26 8.21 -8.06
CA LYS B 95 -18.70 9.60 -8.13
C LYS B 95 -17.50 10.54 -8.30
N PHE B 96 -16.42 10.24 -7.59
CA PHE B 96 -15.20 11.03 -7.68
C PHE B 96 -14.71 11.08 -9.12
N TRP B 97 -14.69 9.91 -9.77
CA TRP B 97 -14.24 9.79 -11.14
C TRP B 97 -15.15 10.55 -12.11
N VAL B 98 -16.44 10.31 -12.03
CA VAL B 98 -17.41 10.94 -12.91
C VAL B 98 -17.46 12.46 -12.73
N THR B 99 -17.24 12.90 -11.48
CA THR B 99 -17.33 14.32 -11.17
C THR B 99 -16.26 15.16 -11.87
N HIS B 100 -15.00 14.72 -11.76
CA HIS B 100 -13.88 15.51 -12.25
C HIS B 100 -13.40 15.09 -13.64
N ILE B 101 -13.86 13.93 -14.09
CA ILE B 101 -13.49 13.41 -15.40
C ILE B 101 -14.71 13.28 -16.33
N SER B 102 -15.89 13.22 -15.72
CA SER B 102 -17.15 13.08 -16.45
C SER B 102 -17.10 11.94 -17.45
#